data_9PSB
#
_entry.id   9PSB
#
_cell.length_a   160.298
_cell.length_b   160.298
_cell.length_c   99.531
_cell.angle_alpha   90.000
_cell.angle_beta   90.000
_cell.angle_gamma   120.000
#
_symmetry.space_group_name_H-M   'P 32 2 1'
#
loop_
_entity.id
_entity.type
_entity.pdbx_description
1 polymer 'PUM-HD domain-containing protein'
2 polymer 'pos-1 RNA'
3 non-polymer GLYCEROL
4 non-polymer 'FORMIC ACID'
5 water water
#
loop_
_entity_poly.entity_id
_entity_poly.type
_entity_poly.pdbx_seq_one_letter_code
_entity_poly.pdbx_strand_id
1 'polypeptide(L)'
;SAVRLIDLENNASFSKSLNSTTRSHKCTLPIWAGDGEGNVSDSVTLQDVLANDALVEFATDKNGCRFLQEHYPTENDNDV
HQKLFRKLVEDRAIFLSLCSNMFGNFFVQRVLECSNTEEQEILTEHLATDLYNLCLDKSACRVIQLAIQKLDVHLATRLS
LELRDTHLVRLSIDQNGNHVIQKIVKTLPVSSWTFLVDFFADDDNLIHVCQDKYGCRVIQSTVETLSTDQYAQCYQHRVI
LLRSLMAGVTRNCTQLASNEFANYVVQHVIKCGDALAVYRDIIIEQCLLQNLLSMSQEKYASHVVEVAFECAPYRLVAEM
MNEIFEGYIPHPDTNRDALDILLFHQYGNYVVQQMIQTCVLGQNARDQKQSEMYGMWLEKIHGRVMRNAHRLERFSSGKK
IIEALQSMSLY
;
A
2 'polyribonucleotide' CUGUAUAUUAU B
#
# COMPACT_ATOMS: atom_id res chain seq x y z
N ALA A 2 19.23 28.57 -51.90
CA ALA A 2 19.49 27.40 -52.75
C ALA A 2 18.18 26.73 -53.16
N VAL A 3 18.27 25.45 -53.52
CA VAL A 3 17.14 24.68 -54.02
C VAL A 3 16.60 23.82 -52.89
N ARG A 4 15.30 23.52 -52.96
CA ARG A 4 14.65 22.61 -52.02
C ARG A 4 15.05 21.18 -52.32
N LEU A 5 15.45 20.45 -51.28
CA LEU A 5 15.68 19.02 -51.36
C LEU A 5 14.83 18.33 -50.29
N ILE A 6 14.18 17.23 -50.68
CA ILE A 6 13.20 16.54 -49.85
C ILE A 6 13.64 15.09 -49.77
N ASP A 7 14.35 14.73 -48.72
CA ASP A 7 14.84 13.36 -48.56
C ASP A 7 13.76 12.54 -47.88
N LEU A 8 13.29 11.51 -48.59
CA LEU A 8 12.37 10.52 -48.05
C LEU A 8 13.14 9.31 -47.58
N GLU A 9 12.71 8.74 -46.45
CA GLU A 9 13.35 7.55 -45.90
C GLU A 9 13.12 6.37 -46.84
N ASN A 10 14.14 5.52 -46.97
CA ASN A 10 14.01 4.31 -47.76
C ASN A 10 13.31 3.25 -46.92
N ASN A 11 12.57 2.36 -47.60
CA ASN A 11 11.51 1.60 -46.92
C ASN A 11 12.06 0.61 -45.88
N ALA A 12 13.08 -0.18 -46.27
CA ALA A 12 13.75 -1.18 -45.41
C ALA A 12 12.74 -2.12 -44.75
N SER A 13 11.79 -2.60 -45.55
CA SER A 13 10.67 -3.36 -45.01
C SER A 13 11.10 -4.78 -44.61
N PHE A 14 11.59 -5.55 -45.58
CA PHE A 14 11.91 -6.95 -45.33
C PHE A 14 13.17 -7.11 -44.49
N SER A 15 14.13 -6.18 -44.64
CA SER A 15 15.40 -6.24 -43.92
C SER A 15 15.26 -6.00 -42.42
N LYS A 16 14.10 -5.55 -41.94
CA LYS A 16 13.85 -5.55 -40.51
C LYS A 16 13.70 -6.97 -39.98
N SER A 17 13.04 -7.85 -40.76
CA SER A 17 12.78 -9.23 -40.34
C SER A 17 14.03 -10.09 -40.30
N LEU A 18 15.15 -9.61 -40.86
CA LEU A 18 16.43 -10.27 -40.70
C LEU A 18 16.95 -10.16 -39.27
N ASN A 19 16.39 -9.26 -38.46
CA ASN A 19 16.64 -9.26 -37.04
C ASN A 19 15.91 -10.39 -36.32
N SER A 20 15.01 -11.10 -37.00
CA SER A 20 14.28 -12.21 -36.40
C SER A 20 15.18 -13.40 -36.12
N THR A 21 16.23 -13.59 -36.92
CA THR A 21 17.10 -14.75 -36.78
C THR A 21 18.02 -14.56 -35.56
N THR A 22 18.05 -15.57 -34.69
CA THR A 22 18.72 -15.48 -33.41
C THR A 22 19.68 -16.65 -33.23
N ARG A 23 20.57 -16.51 -32.24
CA ARG A 23 21.52 -17.57 -31.91
C ARG A 23 20.80 -18.79 -31.32
N SER A 24 20.12 -18.61 -30.21
CA SER A 24 19.27 -19.63 -29.61
C SER A 24 17.80 -19.22 -29.76
N HIS A 25 16.91 -19.99 -29.15
CA HIS A 25 15.49 -19.63 -29.18
C HIS A 25 15.05 -18.92 -27.90
N LYS A 26 15.79 -19.06 -26.80
CA LYS A 26 15.45 -18.29 -25.57
C LYS A 26 15.75 -16.82 -25.82
N CYS A 27 16.97 -16.53 -26.30
CA CYS A 27 17.36 -15.15 -26.57
C CYS A 27 16.74 -14.65 -27.86
N THR A 28 16.31 -13.39 -27.84
CA THR A 28 15.77 -12.72 -29.02
C THR A 28 16.79 -11.79 -29.67
N LEU A 29 18.01 -11.74 -29.13
CA LEU A 29 19.08 -10.94 -29.69
C LEU A 29 19.43 -11.44 -31.10
N PRO A 30 19.56 -10.55 -32.08
CA PRO A 30 19.88 -11.00 -33.44
C PRO A 30 21.30 -11.53 -33.53
N ILE A 31 21.49 -12.49 -34.44
CA ILE A 31 22.73 -13.24 -34.55
C ILE A 31 23.91 -12.39 -35.00
N TRP A 32 23.66 -11.24 -35.66
CA TRP A 32 24.75 -10.35 -36.02
C TRP A 32 25.40 -9.69 -34.80
N ALA A 33 24.69 -9.62 -33.67
CA ALA A 33 25.21 -9.00 -32.46
C ALA A 33 25.44 -10.01 -31.33
N GLY A 34 25.64 -11.28 -31.67
CA GLY A 34 25.74 -12.35 -30.68
C GLY A 34 27.13 -12.91 -30.60
N ASP A 35 27.58 -13.17 -29.35
CA ASP A 35 28.81 -13.95 -29.15
C ASP A 35 28.66 -15.39 -29.61
N GLY A 36 27.44 -15.91 -29.67
CA GLY A 36 27.19 -17.32 -29.79
C GLY A 36 26.82 -17.98 -28.47
N GLU A 37 27.18 -17.35 -27.35
CA GLU A 37 26.75 -17.77 -26.03
C GLU A 37 25.55 -16.96 -25.54
N GLY A 38 24.94 -16.16 -26.41
CA GLY A 38 23.84 -15.31 -26.03
C GLY A 38 24.25 -13.99 -25.42
N ASN A 39 25.55 -13.78 -25.19
CA ASN A 39 26.06 -12.54 -24.65
C ASN A 39 26.21 -11.52 -25.77
N VAL A 40 26.25 -10.25 -25.40
CA VAL A 40 26.33 -9.17 -26.39
C VAL A 40 27.73 -9.10 -26.98
N SER A 41 27.80 -8.95 -28.30
CA SER A 41 29.05 -8.88 -29.03
C SER A 41 29.74 -7.54 -28.79
N ASP A 42 30.97 -7.45 -29.29
CA ASP A 42 31.73 -6.21 -29.26
C ASP A 42 31.74 -5.59 -30.66
N SER A 43 32.10 -4.31 -30.69
CA SER A 43 31.95 -3.43 -31.87
C SER A 43 30.51 -3.35 -32.37
N VAL A 44 29.54 -3.57 -31.46
CA VAL A 44 28.14 -3.38 -31.81
C VAL A 44 27.69 -1.93 -31.66
N THR A 45 28.54 -1.10 -31.08
CA THR A 45 28.42 0.36 -30.93
C THR A 45 27.10 0.71 -30.25
N LEU A 46 26.56 1.91 -30.51
CA LEU A 46 25.16 2.20 -30.28
C LEU A 46 24.40 2.44 -31.57
N GLN A 47 25.11 2.78 -32.64
CA GLN A 47 24.52 3.18 -33.92
C GLN A 47 24.16 1.98 -34.79
N ASP A 48 24.77 0.82 -34.57
CA ASP A 48 24.38 -0.39 -35.29
C ASP A 48 22.99 -0.86 -34.86
N VAL A 49 22.58 -0.50 -33.64
CA VAL A 49 21.23 -0.80 -33.18
C VAL A 49 20.22 0.01 -33.99
N LEU A 50 20.48 1.31 -34.15
CA LEU A 50 19.60 2.20 -34.90
C LEU A 50 19.61 1.87 -36.38
N ALA A 51 20.76 1.44 -36.90
CA ALA A 51 20.90 1.21 -38.34
C ALA A 51 20.15 -0.03 -38.81
N ASN A 52 19.98 -1.01 -37.93
CA ASN A 52 19.32 -2.26 -38.27
C ASN A 52 17.86 -2.31 -37.85
N ASP A 53 17.35 -1.23 -37.22
CA ASP A 53 16.02 -1.18 -36.60
C ASP A 53 15.84 -2.34 -35.62
N ALA A 54 16.88 -2.57 -34.81
CA ALA A 54 16.93 -3.70 -33.88
C ALA A 54 16.85 -3.24 -32.43
N LEU A 55 16.19 -2.10 -32.18
CA LEU A 55 15.93 -1.66 -30.81
C LEU A 55 15.02 -2.64 -30.09
N VAL A 56 13.98 -3.10 -30.77
CA VAL A 56 13.00 -4.02 -30.17
C VAL A 56 13.64 -5.36 -29.87
N GLU A 57 14.47 -5.86 -30.79
CA GLU A 57 15.10 -7.16 -30.61
C GLU A 57 16.14 -7.14 -29.50
N PHE A 58 16.88 -6.03 -29.34
CA PHE A 58 17.80 -5.96 -28.20
C PHE A 58 17.02 -5.80 -26.90
N ALA A 59 15.92 -5.04 -26.93
CA ALA A 59 15.17 -4.75 -25.72
C ALA A 59 14.39 -5.96 -25.20
N THR A 60 14.14 -6.96 -26.04
CA THR A 60 13.49 -8.19 -25.59
C THR A 60 14.49 -9.25 -25.12
N ASP A 61 15.78 -8.95 -25.22
CA ASP A 61 16.83 -9.87 -24.70
C ASP A 61 17.47 -9.21 -23.48
N LYS A 62 17.73 -9.99 -22.42
CA LYS A 62 18.27 -9.42 -21.17
C LYS A 62 19.59 -8.70 -21.45
N ASN A 63 20.56 -9.41 -21.99
CA ASN A 63 21.89 -8.79 -22.24
C ASN A 63 21.72 -7.59 -23.15
N GLY A 64 20.90 -7.72 -24.21
CA GLY A 64 20.69 -6.61 -25.14
C GLY A 64 20.13 -5.39 -24.42
N CYS A 65 19.09 -5.57 -23.62
CA CYS A 65 18.46 -4.43 -22.92
C CYS A 65 19.48 -3.81 -21.95
N ARG A 66 20.19 -4.66 -21.20
CA ARG A 66 21.19 -4.14 -20.24
C ARG A 66 22.18 -3.26 -20.99
N PHE A 67 22.58 -3.71 -22.19
CA PHE A 67 23.53 -2.93 -23.01
C PHE A 67 22.90 -1.56 -23.29
N LEU A 68 21.65 -1.57 -23.74
CA LEU A 68 20.95 -0.31 -24.07
C LEU A 68 21.01 0.59 -22.82
N GLN A 69 20.67 0.03 -21.67
CA GLN A 69 20.65 0.83 -20.42
C GLN A 69 22.07 1.31 -20.11
N GLU A 70 23.04 0.40 -20.06
CA GLU A 70 24.39 0.80 -19.67
C GLU A 70 24.94 1.89 -20.57
N HIS A 71 24.46 1.98 -21.81
CA HIS A 71 25.06 2.85 -22.82
C HIS A 71 24.09 3.90 -23.36
N TYR A 72 22.97 4.14 -22.66
CA TYR A 72 22.04 5.18 -23.11
C TYR A 72 22.58 6.56 -22.78
N PRO A 73 22.43 7.53 -23.68
CA PRO A 73 22.91 8.90 -23.38
C PRO A 73 22.05 9.59 -22.33
N THR A 74 22.71 10.11 -21.30
CA THR A 74 22.00 10.77 -20.20
C THR A 74 21.46 12.13 -20.63
N GLU A 75 22.24 12.89 -21.40
CA GLU A 75 21.83 14.23 -21.78
C GLU A 75 20.76 14.19 -22.88
N ASN A 76 19.76 15.05 -22.75
CA ASN A 76 18.64 15.09 -23.68
C ASN A 76 19.04 15.63 -25.06
N ASP A 77 20.11 16.40 -25.15
CA ASP A 77 20.50 17.01 -26.42
C ASP A 77 21.37 16.11 -27.29
N ASN A 78 21.74 14.93 -26.81
CA ASN A 78 22.51 14.00 -27.63
C ASN A 78 21.63 13.40 -28.72
N ASP A 79 22.17 13.32 -29.93
CA ASP A 79 21.45 12.82 -31.09
C ASP A 79 21.12 11.34 -30.95
N VAL A 80 21.99 10.57 -30.27
CA VAL A 80 21.76 9.14 -30.10
C VAL A 80 20.59 8.90 -29.16
N HIS A 81 20.49 9.70 -28.08
CA HIS A 81 19.33 9.64 -27.19
C HIS A 81 18.04 9.99 -27.92
N GLN A 82 18.08 11.03 -28.75
CA GLN A 82 16.89 11.45 -29.51
C GLN A 82 16.46 10.39 -30.52
N LYS A 83 17.43 9.78 -31.22
CA LYS A 83 17.11 8.77 -32.22
C LYS A 83 16.60 7.48 -31.58
N LEU A 84 17.22 7.06 -30.47
CA LEU A 84 16.75 5.87 -29.76
C LEU A 84 15.37 6.10 -29.17
N PHE A 85 15.11 7.30 -28.63
CA PHE A 85 13.79 7.64 -28.12
C PHE A 85 12.75 7.67 -29.23
N ARG A 86 13.13 8.21 -30.40
CA ARG A 86 12.24 8.24 -31.55
C ARG A 86 11.84 6.84 -31.98
N LYS A 87 12.84 5.94 -32.11
CA LYS A 87 12.59 4.54 -32.44
C LYS A 87 11.83 3.81 -31.34
N LEU A 88 11.91 4.28 -30.11
CA LEU A 88 11.07 3.76 -29.04
C LEU A 88 9.59 4.13 -29.24
N VAL A 89 9.32 5.39 -29.60
CA VAL A 89 7.94 5.88 -29.58
C VAL A 89 7.31 6.05 -30.97
N GLU A 90 8.00 5.65 -32.06
CA GLU A 90 7.42 5.74 -33.41
C GLU A 90 6.12 4.95 -33.53
N ASP A 91 6.06 3.77 -32.93
CA ASP A 91 4.87 2.94 -32.94
C ASP A 91 4.34 2.85 -31.51
N ARG A 92 3.03 3.08 -31.36
CA ARG A 92 2.41 2.93 -30.05
C ARG A 92 2.40 1.48 -29.60
N ALA A 93 2.08 0.56 -30.51
CA ALA A 93 1.96 -0.86 -30.16
C ALA A 93 3.30 -1.45 -29.79
N ILE A 94 4.36 -1.06 -30.51
CA ILE A 94 5.72 -1.49 -30.17
C ILE A 94 6.12 -0.97 -28.80
N PHE A 95 5.84 0.31 -28.52
CA PHE A 95 6.15 0.90 -27.22
C PHE A 95 5.39 0.22 -26.08
N LEU A 96 4.11 -0.07 -26.29
CA LEU A 96 3.32 -0.66 -25.21
C LEU A 96 3.65 -2.14 -25.03
N SER A 97 4.09 -2.84 -26.08
CA SER A 97 4.59 -4.19 -25.91
C SER A 97 5.93 -4.19 -25.17
N LEU A 98 6.77 -3.19 -25.43
CA LEU A 98 8.02 -3.06 -24.70
C LEU A 98 7.80 -2.67 -23.24
N CYS A 99 6.75 -1.89 -22.98
CA CYS A 99 6.32 -1.66 -21.60
C CYS A 99 5.85 -2.96 -20.96
N SER A 100 5.25 -3.84 -21.77
CA SER A 100 4.73 -5.12 -21.23
C SER A 100 5.73 -6.24 -21.48
N ASN A 101 7.03 -5.95 -21.46
CA ASN A 101 8.06 -7.00 -21.64
C ASN A 101 8.85 -7.18 -20.36
N MET A 102 9.22 -8.42 -20.05
CA MET A 102 9.96 -8.72 -18.80
C MET A 102 11.29 -7.96 -18.81
N PHE A 103 11.88 -7.77 -20.00
CA PHE A 103 13.22 -7.14 -20.05
C PHE A 103 13.11 -5.73 -20.63
N GLY A 104 12.04 -5.47 -21.39
CA GLY A 104 11.87 -4.15 -22.02
C GLY A 104 11.51 -3.10 -20.98
N ASN A 105 10.70 -3.46 -19.99
CA ASN A 105 10.24 -2.46 -19.01
C ASN A 105 11.44 -1.64 -18.53
N PHE A 106 12.57 -2.29 -18.31
CA PHE A 106 13.74 -1.59 -17.73
C PHE A 106 14.17 -0.43 -18.64
N PHE A 107 14.16 -0.64 -19.95
CA PHE A 107 14.64 0.42 -20.86
C PHE A 107 13.72 1.63 -20.73
N VAL A 108 12.42 1.39 -20.79
CA VAL A 108 11.44 2.51 -20.68
C VAL A 108 11.77 3.26 -19.41
N GLN A 109 12.01 2.52 -18.32
CA GLN A 109 12.29 3.17 -17.02
C GLN A 109 13.53 4.05 -17.18
N ARG A 110 14.58 3.54 -17.82
CA ARG A 110 15.80 4.33 -17.97
C ARG A 110 15.55 5.59 -18.81
N VAL A 111 14.68 5.50 -19.82
CA VAL A 111 14.26 6.68 -20.56
C VAL A 111 13.49 7.64 -19.65
N LEU A 112 12.63 7.09 -18.76
CA LEU A 112 11.91 7.91 -17.79
C LEU A 112 12.85 8.59 -16.80
N GLU A 113 13.97 7.93 -16.46
CA GLU A 113 14.95 8.54 -15.57
C GLU A 113 15.68 9.70 -16.23
N CYS A 114 15.80 9.68 -17.55
CA CYS A 114 16.55 10.70 -18.29
C CYS A 114 15.65 11.71 -19.01
N SER A 115 14.35 11.65 -18.79
CA SER A 115 13.39 12.36 -19.64
C SER A 115 13.38 13.86 -19.36
N ASN A 116 12.96 14.61 -20.38
CA ASN A 116 12.52 15.99 -20.21
C ASN A 116 11.03 16.06 -20.53
N THR A 117 10.47 17.27 -20.46
CA THR A 117 9.03 17.46 -20.55
C THR A 117 8.50 17.13 -21.94
N GLU A 118 9.28 17.44 -22.99
CA GLU A 118 8.89 17.12 -24.36
C GLU A 118 8.76 15.63 -24.58
N GLU A 119 9.69 14.84 -24.02
CA GLU A 119 9.59 13.39 -24.08
C GLU A 119 8.45 12.88 -23.19
N GLN A 120 8.30 13.49 -22.01
CA GLN A 120 7.28 13.09 -21.05
C GLN A 120 5.87 13.20 -21.60
N GLU A 121 5.61 14.21 -22.45
CA GLU A 121 4.28 14.34 -23.04
C GLU A 121 3.94 13.16 -23.96
N ILE A 122 4.89 12.76 -24.82
CA ILE A 122 4.69 11.65 -25.73
C ILE A 122 4.51 10.34 -24.96
N LEU A 123 5.36 10.15 -23.93
CA LEU A 123 5.27 8.95 -23.10
C LEU A 123 3.94 8.90 -22.35
N THR A 124 3.47 10.05 -21.87
CA THR A 124 2.21 10.10 -21.14
C THR A 124 1.03 9.76 -22.03
N GLU A 125 1.06 10.24 -23.29
CA GLU A 125 -0.01 9.91 -24.22
C GLU A 125 -0.03 8.41 -24.52
N HIS A 126 1.15 7.83 -24.81
CA HIS A 126 1.23 6.40 -25.10
C HIS A 126 0.78 5.54 -23.91
N LEU A 127 1.22 5.90 -22.71
CA LEU A 127 0.83 5.16 -21.52
C LEU A 127 -0.65 5.32 -21.22
N ALA A 128 -1.20 6.51 -21.46
CA ALA A 128 -2.60 6.79 -21.17
C ALA A 128 -3.54 6.05 -22.12
N THR A 129 -3.04 5.64 -23.29
CA THR A 129 -3.86 4.90 -24.27
C THR A 129 -4.48 3.63 -23.68
N ASP A 130 -3.67 2.81 -23.00
CA ASP A 130 -4.14 1.57 -22.38
C ASP A 130 -3.58 1.46 -20.96
N LEU A 131 -3.81 2.50 -20.15
CA LEU A 131 -3.17 2.59 -18.84
C LEU A 131 -3.61 1.47 -17.90
N TYR A 132 -4.90 1.13 -17.94
CA TYR A 132 -5.47 0.17 -16.99
C TYR A 132 -4.85 -1.22 -17.13
N ASN A 133 -4.68 -1.68 -18.37
CA ASN A 133 -4.08 -3.00 -18.60
C ASN A 133 -2.58 -2.99 -18.33
N LEU A 134 -1.90 -1.87 -18.59
CA LEU A 134 -0.49 -1.75 -18.22
C LEU A 134 -0.33 -1.77 -16.71
N CYS A 135 -1.30 -1.21 -15.99
CA CYS A 135 -1.30 -1.31 -14.52
C CYS A 135 -1.52 -2.73 -14.07
N LEU A 136 -2.35 -3.50 -14.80
CA LEU A 136 -2.57 -4.91 -14.45
C LEU A 136 -1.33 -5.78 -14.69
N ASP A 137 -0.42 -5.34 -15.56
CA ASP A 137 0.77 -6.17 -15.93
C ASP A 137 1.83 -6.08 -14.83
N LYS A 138 2.59 -7.16 -14.64
CA LYS A 138 3.63 -7.19 -13.59
C LYS A 138 4.80 -6.31 -14.00
N SER A 139 5.11 -6.27 -15.29
CA SER A 139 6.30 -5.52 -15.74
C SER A 139 5.95 -4.04 -15.91
N ALA A 140 4.85 -3.74 -16.61
CA ALA A 140 4.47 -2.34 -16.86
C ALA A 140 4.11 -1.64 -15.56
N CYS A 141 3.50 -2.37 -14.63
CA CYS A 141 3.06 -1.73 -13.37
C CYS A 141 4.21 -0.85 -12.87
N ARG A 142 5.44 -1.36 -12.96
CA ARG A 142 6.61 -0.57 -12.54
C ARG A 142 6.71 0.69 -13.39
N VAL A 143 6.79 0.51 -14.71
CA VAL A 143 6.88 1.66 -15.62
C VAL A 143 5.85 2.72 -15.24
N ILE A 144 4.61 2.29 -14.92
CA ILE A 144 3.55 3.24 -14.56
C ILE A 144 3.89 3.96 -13.25
N GLN A 145 4.45 3.22 -12.28
CA GLN A 145 4.81 3.84 -11.00
C GLN A 145 5.98 4.81 -11.14
N LEU A 146 6.96 4.49 -11.98
CA LEU A 146 8.04 5.43 -12.22
C LEU A 146 7.55 6.66 -12.98
N ALA A 147 6.54 6.48 -13.84
CA ALA A 147 5.88 7.62 -14.47
C ALA A 147 5.21 8.52 -13.43
N ILE A 148 4.47 7.91 -12.48
CA ILE A 148 3.81 8.69 -11.43
C ILE A 148 4.82 9.40 -10.55
N GLN A 149 6.01 8.80 -10.36
CA GLN A 149 7.07 9.48 -9.61
C GLN A 149 7.67 10.65 -10.40
N LYS A 150 7.98 10.43 -11.68
CA LYS A 150 8.87 11.33 -12.41
C LYS A 150 8.15 12.35 -13.28
N LEU A 151 6.97 12.04 -13.80
CA LEU A 151 6.27 12.97 -14.69
C LEU A 151 5.88 14.24 -13.95
N ASP A 152 5.72 15.31 -14.73
CA ASP A 152 5.19 16.55 -14.20
C ASP A 152 3.74 16.35 -13.78
N VAL A 153 3.30 17.16 -12.82
CA VAL A 153 2.11 16.87 -12.03
C VAL A 153 0.83 16.90 -12.89
N HIS A 154 0.80 17.72 -13.95
CA HIS A 154 -0.34 17.68 -14.86
C HIS A 154 -0.36 16.41 -15.70
N LEU A 155 0.82 15.90 -16.07
CA LEU A 155 0.91 14.66 -16.84
C LEU A 155 0.49 13.45 -15.99
N ALA A 156 1.01 13.36 -14.77
CA ALA A 156 0.62 12.28 -13.87
C ALA A 156 -0.84 12.40 -13.47
N THR A 157 -1.36 13.63 -13.39
CA THR A 157 -2.78 13.86 -13.20
C THR A 157 -3.59 13.29 -14.37
N ARG A 158 -3.11 13.49 -15.59
CA ARG A 158 -3.78 12.93 -16.78
C ARG A 158 -3.81 11.41 -16.73
N LEU A 159 -2.68 10.79 -16.36
CA LEU A 159 -2.63 9.34 -16.23
C LEU A 159 -3.59 8.84 -15.15
N SER A 160 -3.59 9.50 -13.99
CA SER A 160 -4.45 9.09 -12.89
C SER A 160 -5.93 9.18 -13.28
N LEU A 161 -6.33 10.31 -13.88
CA LEU A 161 -7.71 10.52 -14.28
C LEU A 161 -8.13 9.64 -15.46
N GLU A 162 -7.18 9.02 -16.18
CA GLU A 162 -7.55 7.98 -17.13
C GLU A 162 -8.25 6.80 -16.47
N LEU A 163 -7.93 6.52 -15.21
CA LEU A 163 -8.47 5.38 -14.49
C LEU A 163 -9.80 5.69 -13.81
N ARG A 164 -10.51 6.72 -14.25
CA ARG A 164 -11.63 7.26 -13.47
C ARG A 164 -12.83 6.31 -13.47
N ASP A 165 -13.35 5.97 -14.65
CA ASP A 165 -14.55 5.15 -14.77
C ASP A 165 -14.22 3.69 -15.02
N THR A 166 -13.09 3.22 -14.52
CA THR A 166 -12.64 1.86 -14.70
C THR A 166 -13.05 0.98 -13.53
N HIS A 167 -12.81 -0.33 -13.67
CA HIS A 167 -13.10 -1.30 -12.62
C HIS A 167 -12.04 -1.19 -11.53
N LEU A 168 -12.17 -0.13 -10.72
CA LEU A 168 -11.17 0.21 -9.71
C LEU A 168 -11.10 -0.82 -8.59
N VAL A 169 -12.18 -1.55 -8.37
CA VAL A 169 -12.19 -2.62 -7.38
C VAL A 169 -11.21 -3.74 -7.78
N ARG A 170 -11.26 -4.14 -9.06
CA ARG A 170 -10.35 -5.15 -9.60
C ARG A 170 -8.91 -4.69 -9.55
N LEU A 171 -8.66 -3.44 -9.96
CA LEU A 171 -7.30 -2.90 -9.99
C LEU A 171 -6.74 -2.72 -8.59
N SER A 172 -7.59 -2.43 -7.61
CA SER A 172 -7.14 -2.26 -6.23
C SER A 172 -6.83 -3.61 -5.58
N ILE A 173 -7.63 -4.65 -5.86
CA ILE A 173 -7.31 -5.96 -5.30
C ILE A 173 -6.31 -6.73 -6.14
N ASP A 174 -5.87 -6.17 -7.28
CA ASP A 174 -4.88 -6.79 -8.13
C ASP A 174 -3.51 -6.82 -7.46
N GLN A 175 -2.74 -7.88 -7.76
CA GLN A 175 -1.39 -8.06 -7.22
C GLN A 175 -0.45 -6.92 -7.60
N ASN A 176 -0.66 -6.33 -8.77
CA ASN A 176 0.30 -5.38 -9.34
C ASN A 176 -0.19 -3.95 -9.38
N GLY A 177 -1.47 -3.72 -9.74
CA GLY A 177 -1.98 -2.36 -9.86
C GLY A 177 -2.26 -1.67 -8.55
N ASN A 178 -2.28 -2.42 -7.44
CA ASN A 178 -2.48 -1.84 -6.13
C ASN A 178 -1.33 -0.90 -5.77
N HIS A 179 -0.10 -1.29 -6.10
CA HIS A 179 1.06 -0.45 -5.83
C HIS A 179 1.03 0.79 -6.71
N VAL A 180 0.47 0.68 -7.92
CA VAL A 180 0.28 1.84 -8.79
C VAL A 180 -0.68 2.83 -8.16
N ILE A 181 -1.81 2.34 -7.64
CA ILE A 181 -2.80 3.19 -6.99
C ILE A 181 -2.21 3.84 -5.73
N GLN A 182 -1.44 3.07 -4.96
CA GLN A 182 -0.77 3.62 -3.77
C GLN A 182 0.26 4.67 -4.14
N LYS A 183 0.98 4.48 -5.25
CA LYS A 183 1.95 5.48 -5.69
C LYS A 183 1.27 6.76 -6.13
N ILE A 184 0.11 6.63 -6.78
CA ILE A 184 -0.71 7.79 -7.16
C ILE A 184 -1.16 8.54 -5.91
N VAL A 185 -1.62 7.81 -4.90
CA VAL A 185 -2.13 8.43 -3.68
C VAL A 185 -1.00 9.10 -2.90
N LYS A 186 0.13 8.40 -2.73
CA LYS A 186 1.22 8.93 -1.93
C LYS A 186 2.00 10.02 -2.64
N THR A 187 1.92 10.11 -3.96
CA THR A 187 2.72 11.07 -4.70
C THR A 187 1.96 12.35 -5.04
N LEU A 188 0.76 12.21 -5.59
CA LEU A 188 0.07 13.29 -6.31
C LEU A 188 -0.87 14.05 -5.39
N PRO A 189 -1.15 15.33 -5.70
CA PRO A 189 -2.13 16.10 -4.94
C PRO A 189 -3.54 15.54 -5.08
N VAL A 190 -4.36 15.84 -4.07
CA VAL A 190 -5.61 15.14 -3.79
C VAL A 190 -6.59 15.25 -4.95
N SER A 191 -6.54 16.38 -5.67
CA SER A 191 -7.39 16.59 -6.84
C SER A 191 -7.08 15.60 -7.97
N SER A 192 -5.87 15.05 -8.01
CA SER A 192 -5.53 14.09 -9.06
C SER A 192 -6.17 12.72 -8.85
N TRP A 193 -6.68 12.44 -7.64
CA TRP A 193 -7.29 11.14 -7.37
C TRP A 193 -8.52 11.23 -6.47
N THR A 194 -9.30 12.33 -6.57
CA THR A 194 -10.53 12.47 -5.79
C THR A 194 -11.59 11.45 -6.22
N PHE A 195 -11.52 10.99 -7.47
CA PHE A 195 -12.43 9.97 -7.98
C PHE A 195 -12.29 8.66 -7.24
N LEU A 196 -11.11 8.37 -6.68
CA LEU A 196 -10.95 7.20 -5.81
C LEU A 196 -11.80 7.30 -4.55
N VAL A 197 -11.78 8.48 -3.90
CA VAL A 197 -12.59 8.71 -2.71
C VAL A 197 -14.08 8.64 -3.07
N ASP A 198 -14.44 9.12 -4.27
CA ASP A 198 -15.79 8.94 -4.77
C ASP A 198 -16.13 7.47 -5.00
N PHE A 199 -15.14 6.66 -5.40
CA PHE A 199 -15.37 5.25 -5.65
C PHE A 199 -15.59 4.48 -4.34
N PHE A 200 -14.77 4.74 -3.33
CA PHE A 200 -14.88 3.99 -2.08
C PHE A 200 -15.93 4.57 -1.14
N ALA A 201 -16.68 5.59 -1.57
CA ALA A 201 -17.87 6.00 -0.84
C ALA A 201 -18.95 4.92 -0.89
N ASP A 202 -18.94 4.08 -1.93
CA ASP A 202 -19.77 2.89 -1.94
C ASP A 202 -19.29 1.92 -0.86
N ASP A 203 -20.25 1.41 -0.07
CA ASP A 203 -19.88 0.49 1.00
C ASP A 203 -19.47 -0.88 0.45
N ASP A 204 -20.10 -1.33 -0.64
CA ASP A 204 -19.72 -2.61 -1.23
C ASP A 204 -18.32 -2.57 -1.82
N ASN A 205 -17.96 -1.48 -2.50
CA ASN A 205 -16.61 -1.35 -3.04
C ASN A 205 -15.58 -1.24 -1.94
N LEU A 206 -15.89 -0.46 -0.89
CA LEU A 206 -14.99 -0.31 0.25
C LEU A 206 -14.77 -1.63 0.97
N ILE A 207 -15.83 -2.42 1.13
CA ILE A 207 -15.66 -3.68 1.90
C ILE A 207 -14.77 -4.62 1.08
N HIS A 208 -15.17 -4.95 -0.14
CA HIS A 208 -14.42 -5.93 -0.97
C HIS A 208 -12.95 -5.56 -1.03
N VAL A 209 -12.64 -4.30 -1.34
CA VAL A 209 -11.22 -3.89 -1.51
C VAL A 209 -10.52 -3.96 -0.16
N CYS A 210 -11.18 -3.51 0.90
CA CYS A 210 -10.51 -3.45 2.22
C CYS A 210 -10.21 -4.88 2.70
N GLN A 211 -11.16 -5.78 2.54
CA GLN A 211 -11.06 -7.19 2.90
C GLN A 211 -10.26 -7.94 1.81
N ASP A 212 -9.07 -7.41 1.51
CA ASP A 212 -8.26 -8.09 0.47
C ASP A 212 -6.78 -7.92 0.77
N LYS A 213 -6.01 -8.96 0.55
CA LYS A 213 -4.57 -8.96 0.81
C LYS A 213 -3.89 -7.70 0.29
N TYR A 214 -4.46 -7.13 -0.77
CA TYR A 214 -3.78 -5.97 -1.40
C TYR A 214 -4.59 -4.69 -1.17
N GLY A 215 -5.90 -4.76 -1.40
CA GLY A 215 -6.73 -3.55 -1.26
C GLY A 215 -6.62 -2.92 0.10
N CYS A 216 -6.40 -3.74 1.13
CA CYS A 216 -6.35 -3.21 2.51
C CYS A 216 -5.30 -2.10 2.55
N ARG A 217 -4.11 -2.36 2.02
CA ARG A 217 -3.02 -1.36 2.11
C ARG A 217 -3.40 -0.14 1.29
N VAL A 218 -4.15 -0.34 0.20
CA VAL A 218 -4.57 0.80 -0.66
C VAL A 218 -5.42 1.75 0.17
N ILE A 219 -6.50 1.24 0.75
CA ILE A 219 -7.43 2.13 1.51
C ILE A 219 -6.64 2.75 2.65
N GLN A 220 -5.74 1.98 3.25
CA GLN A 220 -4.95 2.50 4.40
C GLN A 220 -4.09 3.66 3.91
N SER A 221 -3.40 3.46 2.79
CA SER A 221 -2.52 4.53 2.26
C SER A 221 -3.35 5.76 1.97
N THR A 222 -4.54 5.56 1.40
CA THR A 222 -5.44 6.69 1.09
C THR A 222 -5.73 7.46 2.37
N VAL A 223 -6.16 6.76 3.42
CA VAL A 223 -6.51 7.43 4.70
C VAL A 223 -5.27 8.15 5.21
N GLU A 224 -4.16 7.43 5.32
CA GLU A 224 -2.93 8.04 5.88
C GLU A 224 -2.73 9.39 5.20
N THR A 225 -2.78 9.42 3.86
CA THR A 225 -2.49 10.66 3.17
C THR A 225 -3.54 11.74 3.44
N LEU A 226 -4.83 11.36 3.48
CA LEU A 226 -5.86 12.35 3.78
C LEU A 226 -5.78 12.86 5.21
N SER A 227 -5.40 12.00 6.15
CA SER A 227 -5.29 12.42 7.54
C SER A 227 -4.05 13.28 7.79
N THR A 228 -2.97 13.07 7.00
CA THR A 228 -1.71 13.79 7.22
C THR A 228 -1.90 15.23 6.74
N ASP A 229 -2.62 16.00 7.56
CA ASP A 229 -2.92 17.39 7.15
C ASP A 229 -2.55 18.33 8.29
N GLN A 230 -2.25 17.77 9.47
CA GLN A 230 -1.94 18.60 10.66
C GLN A 230 -2.96 19.74 10.72
N TYR A 231 -2.57 20.93 10.26
CA TYR A 231 -3.51 22.08 10.22
C TYR A 231 -3.48 22.72 8.83
N ALA A 232 -4.64 23.04 8.28
CA ALA A 232 -4.72 23.72 6.97
C ALA A 232 -5.25 25.14 7.20
N GLN A 233 -5.96 25.70 6.21
CA GLN A 233 -6.58 27.04 6.40
C GLN A 233 -8.06 26.82 6.73
N CYS A 234 -8.34 25.90 7.64
CA CYS A 234 -9.74 25.56 7.98
C CYS A 234 -10.53 25.38 6.68
N TYR A 235 -9.89 24.77 5.67
CA TYR A 235 -10.56 24.56 4.37
C TYR A 235 -11.50 23.36 4.49
N GLN A 236 -11.16 22.41 5.36
CA GLN A 236 -12.01 21.22 5.59
C GLN A 236 -12.32 20.52 4.27
N HIS A 237 -11.33 20.35 3.40
CA HIS A 237 -11.56 19.62 2.13
C HIS A 237 -11.27 18.14 2.36
N ARG A 238 -9.99 17.78 2.46
CA ARG A 238 -9.64 16.38 2.77
C ARG A 238 -10.58 15.91 3.87
N VAL A 239 -10.86 16.80 4.83
CA VAL A 239 -11.73 16.42 5.98
C VAL A 239 -13.05 15.92 5.41
N ILE A 240 -13.62 16.68 4.49
CA ILE A 240 -14.93 16.29 3.89
C ILE A 240 -14.73 14.98 3.14
N LEU A 241 -13.58 14.81 2.50
CA LEU A 241 -13.31 13.57 1.72
C LEU A 241 -13.06 12.42 2.69
N LEU A 242 -12.21 12.65 3.69
CA LEU A 242 -11.89 11.59 4.67
C LEU A 242 -13.21 11.10 5.28
N ARG A 243 -14.06 12.04 5.66
CA ARG A 243 -15.35 11.66 6.30
C ARG A 243 -16.10 10.73 5.34
N SER A 244 -16.10 11.06 4.05
CA SER A 244 -16.84 10.25 3.07
C SER A 244 -16.37 8.81 3.15
N LEU A 245 -15.05 8.64 3.29
CA LEU A 245 -14.46 7.27 3.38
C LEU A 245 -14.72 6.69 4.76
N MET A 246 -14.15 7.31 5.80
CA MET A 246 -14.25 6.72 7.15
C MET A 246 -15.71 6.35 7.45
N ALA A 247 -16.66 7.01 6.80
CA ALA A 247 -18.09 6.76 7.11
C ALA A 247 -18.39 5.28 6.88
N GLY A 248 -18.09 4.79 5.69
CA GLY A 248 -18.30 3.35 5.40
C GLY A 248 -17.46 2.52 6.35
N VAL A 249 -16.22 2.93 6.56
CA VAL A 249 -15.38 2.21 7.52
C VAL A 249 -16.10 2.11 8.86
N THR A 250 -16.67 3.22 9.31
CA THR A 250 -17.46 3.28 10.53
C THR A 250 -18.71 2.40 10.44
N ARG A 251 -19.40 2.45 9.28
CA ARG A 251 -20.66 1.74 9.13
C ARG A 251 -20.48 0.23 9.14
N ASN A 252 -19.28 -0.26 8.82
CA ASN A 252 -19.00 -1.69 8.73
C ASN A 252 -17.84 -2.11 9.62
N CYS A 253 -17.54 -1.34 10.67
CA CYS A 253 -16.32 -1.53 11.45
C CYS A 253 -16.33 -2.84 12.23
N THR A 254 -17.52 -3.37 12.52
CA THR A 254 -17.62 -4.68 13.17
C THR A 254 -17.10 -5.79 12.26
N GLN A 255 -17.50 -5.77 10.98
CA GLN A 255 -17.04 -6.77 10.03
C GLN A 255 -15.57 -6.58 9.67
N LEU A 256 -15.16 -5.33 9.47
CA LEU A 256 -13.79 -5.05 9.05
C LEU A 256 -12.78 -5.25 10.17
N ALA A 257 -13.20 -5.08 11.43
CA ALA A 257 -12.29 -5.32 12.54
C ALA A 257 -12.01 -6.82 12.71
N SER A 258 -13.06 -7.63 12.63
CA SER A 258 -12.93 -9.08 12.77
C SER A 258 -12.63 -9.70 11.40
N ASN A 259 -11.47 -9.33 10.86
CA ASN A 259 -11.11 -9.79 9.52
C ASN A 259 -9.60 -9.87 9.35
N GLU A 260 -9.19 -10.76 8.45
CA GLU A 260 -7.74 -11.04 8.26
C GLU A 260 -6.92 -9.81 7.88
N PHE A 261 -7.38 -9.02 6.91
CA PHE A 261 -6.54 -7.89 6.42
C PHE A 261 -7.08 -6.55 6.91
N ALA A 262 -8.39 -6.41 6.98
CA ALA A 262 -8.99 -5.11 7.34
C ALA A 262 -8.57 -4.68 8.75
N ASN A 263 -8.25 -5.65 9.61
CA ASN A 263 -7.93 -5.31 11.02
C ASN A 263 -6.87 -4.19 11.03
N TYR A 264 -5.89 -4.26 10.14
CA TYR A 264 -4.78 -3.28 10.17
C TYR A 264 -5.30 -1.86 9.95
N VAL A 265 -6.22 -1.70 9.01
CA VAL A 265 -6.78 -0.35 8.70
C VAL A 265 -7.43 0.18 9.97
N VAL A 266 -8.35 -0.61 10.54
CA VAL A 266 -9.06 -0.19 11.77
C VAL A 266 -8.01 0.25 12.79
N GLN A 267 -6.96 -0.54 12.93
CA GLN A 267 -5.87 -0.19 13.87
C GLN A 267 -5.27 1.16 13.46
N HIS A 268 -4.79 1.26 12.21
CA HIS A 268 -4.18 2.50 11.76
C HIS A 268 -4.99 3.69 12.23
N VAL A 269 -6.33 3.57 12.13
CA VAL A 269 -7.24 4.63 12.55
C VAL A 269 -7.04 4.92 14.04
N ILE A 270 -7.00 3.84 14.83
CA ILE A 270 -6.87 4.00 16.26
C ILE A 270 -5.47 4.47 16.60
N LYS A 271 -4.48 4.08 15.79
CA LYS A 271 -3.13 4.54 16.05
C LYS A 271 -2.93 5.97 15.59
N CYS A 272 -3.79 6.46 14.68
CA CYS A 272 -3.51 7.72 13.98
C CYS A 272 -3.53 8.92 14.92
N GLY A 273 -4.50 8.96 15.83
CA GLY A 273 -4.53 10.06 16.77
C GLY A 273 -5.04 11.31 16.07
N ASP A 274 -4.10 12.19 15.72
CA ASP A 274 -4.40 13.49 15.11
C ASP A 274 -5.18 13.33 13.81
N ALA A 275 -6.33 14.03 13.75
CA ALA A 275 -7.29 14.16 12.65
C ALA A 275 -8.11 12.90 12.40
N LEU A 276 -7.80 11.80 13.09
CA LEU A 276 -8.62 10.60 13.04
C LEU A 276 -9.10 10.16 14.42
N ALA A 277 -8.87 10.99 15.45
CA ALA A 277 -9.28 10.64 16.82
C ALA A 277 -10.79 10.51 16.93
N VAL A 278 -11.53 11.33 16.19
CA VAL A 278 -12.98 11.21 16.16
C VAL A 278 -13.40 9.87 15.57
N TYR A 279 -12.70 9.40 14.53
CA TYR A 279 -13.07 8.13 13.89
C TYR A 279 -12.61 6.93 14.72
N ARG A 280 -11.46 7.06 15.39
CA ARG A 280 -11.03 6.14 16.44
C ARG A 280 -12.12 5.97 17.50
N ASP A 281 -12.64 7.10 18.00
CA ASP A 281 -13.67 7.07 19.03
C ASP A 281 -14.94 6.41 18.53
N ILE A 282 -15.35 6.70 17.28
CA ILE A 282 -16.57 6.10 16.75
C ILE A 282 -16.42 4.59 16.56
N ILE A 283 -15.24 4.16 16.09
CA ILE A 283 -15.00 2.72 15.87
C ILE A 283 -15.01 1.97 17.20
N ILE A 284 -14.41 2.57 18.25
CA ILE A 284 -14.46 2.00 19.59
C ILE A 284 -15.89 1.93 20.11
N GLU A 285 -16.66 3.02 19.93
CA GLU A 285 -18.02 3.10 20.45
C GLU A 285 -18.96 2.11 19.76
N GLN A 286 -18.80 1.93 18.45
CA GLN A 286 -19.80 1.24 17.65
C GLN A 286 -19.45 -0.20 17.33
N CYS A 287 -18.20 -0.49 17.00
CA CYS A 287 -17.86 -1.87 16.67
C CYS A 287 -17.38 -2.67 17.86
N LEU A 288 -16.70 -2.01 18.80
CA LEU A 288 -15.90 -2.70 19.80
C LEU A 288 -16.61 -2.83 21.14
N LEU A 289 -17.25 -1.77 21.63
CA LEU A 289 -17.96 -1.85 22.89
C LEU A 289 -19.20 -2.72 22.75
N GLN A 290 -19.50 -3.43 23.84
CA GLN A 290 -20.43 -4.57 24.04
C GLN A 290 -19.92 -5.85 23.37
N ASN A 291 -18.70 -5.85 22.81
CA ASN A 291 -18.17 -7.02 22.11
C ASN A 291 -16.69 -7.29 22.44
N LEU A 292 -16.20 -6.84 23.59
CA LEU A 292 -14.76 -6.91 23.85
C LEU A 292 -14.30 -8.33 24.15
N LEU A 293 -15.08 -9.08 24.92
CA LEU A 293 -14.73 -10.46 25.24
C LEU A 293 -14.74 -11.33 23.98
N SER A 294 -15.70 -11.08 23.09
CA SER A 294 -15.78 -11.84 21.85
C SER A 294 -14.58 -11.54 20.95
N MET A 295 -14.27 -10.27 20.76
CA MET A 295 -13.20 -9.90 19.84
C MET A 295 -11.81 -10.14 20.41
N SER A 296 -11.67 -10.23 21.73
CA SER A 296 -10.36 -10.50 22.31
C SER A 296 -9.99 -11.98 22.25
N GLN A 297 -10.97 -12.84 21.99
CA GLN A 297 -10.77 -14.27 21.75
C GLN A 297 -10.52 -14.59 20.29
N GLU A 298 -10.43 -13.58 19.42
CA GLU A 298 -10.22 -13.83 18.01
C GLU A 298 -8.75 -13.61 17.65
N LYS A 299 -8.31 -14.31 16.61
CA LYS A 299 -6.93 -14.21 16.14
C LYS A 299 -6.62 -12.80 15.65
N TYR A 300 -7.55 -12.19 14.95
CA TYR A 300 -7.32 -10.92 14.28
C TYR A 300 -7.72 -9.73 15.16
N ALA A 301 -8.94 -9.77 15.69
CA ALA A 301 -9.52 -8.60 16.37
C ALA A 301 -8.87 -8.30 17.72
N SER A 302 -8.15 -9.29 18.24
CA SER A 302 -7.45 -9.09 19.53
C SER A 302 -6.51 -7.90 19.40
N HIS A 303 -5.79 -7.81 18.28
CA HIS A 303 -4.82 -6.70 18.11
C HIS A 303 -5.57 -5.37 18.13
N VAL A 304 -6.76 -5.35 17.55
CA VAL A 304 -7.59 -4.11 17.53
C VAL A 304 -7.91 -3.75 18.98
N VAL A 305 -8.37 -4.73 19.76
CA VAL A 305 -8.75 -4.45 21.17
C VAL A 305 -7.51 -3.89 21.87
N GLU A 306 -6.34 -4.36 21.49
CA GLU A 306 -5.10 -3.88 22.17
C GLU A 306 -4.86 -2.44 21.77
N VAL A 307 -4.76 -2.18 20.46
CA VAL A 307 -4.42 -0.80 20.01
C VAL A 307 -5.46 0.15 20.62
N ALA A 308 -6.69 -0.32 20.78
CA ALA A 308 -7.74 0.50 21.41
C ALA A 308 -7.31 0.82 22.83
N PHE A 309 -7.14 -0.21 23.66
CA PHE A 309 -6.78 0.02 25.08
C PHE A 309 -5.52 0.86 25.14
N GLU A 310 -4.74 0.86 24.07
CA GLU A 310 -3.45 1.60 24.07
C GLU A 310 -3.67 3.06 23.71
N CYS A 311 -4.50 3.34 22.70
CA CYS A 311 -4.64 4.74 22.22
C CYS A 311 -5.98 5.37 22.63
N ALA A 312 -6.90 4.60 23.20
CA ALA A 312 -8.24 5.15 23.51
C ALA A 312 -8.13 6.24 24.58
N PRO A 313 -9.05 7.22 24.60
CA PRO A 313 -9.05 8.24 25.64
C PRO A 313 -9.62 7.64 26.93
N TYR A 314 -9.30 8.25 28.07
CA TYR A 314 -9.74 7.69 29.38
C TYR A 314 -11.25 7.52 29.36
N ARG A 315 -11.97 8.49 28.81
CA ARG A 315 -13.45 8.45 28.84
C ARG A 315 -13.93 7.14 28.21
N LEU A 316 -13.17 6.58 27.28
CA LEU A 316 -13.57 5.34 26.59
C LEU A 316 -12.88 4.16 27.29
N VAL A 317 -11.62 4.33 27.66
CA VAL A 317 -10.89 3.25 28.37
C VAL A 317 -11.75 2.83 29.56
N ALA A 318 -12.31 3.80 30.27
CA ALA A 318 -13.11 3.48 31.46
C ALA A 318 -14.21 2.49 31.08
N GLU A 319 -14.90 2.76 29.98
CA GLU A 319 -16.04 1.89 29.59
C GLU A 319 -15.48 0.51 29.23
N MET A 320 -14.39 0.50 28.46
CA MET A 320 -13.82 -0.79 28.01
C MET A 320 -13.51 -1.63 29.24
N MET A 321 -12.85 -1.02 30.23
CA MET A 321 -12.44 -1.77 31.43
C MET A 321 -13.68 -2.33 32.12
N ASN A 322 -14.71 -1.51 32.33
CA ASN A 322 -15.89 -1.98 33.09
C ASN A 322 -16.53 -3.15 32.36
N GLU A 323 -16.57 -3.10 31.03
CA GLU A 323 -17.21 -4.19 30.26
C GLU A 323 -16.53 -5.50 30.62
N ILE A 324 -15.19 -5.47 30.74
CA ILE A 324 -14.44 -6.70 31.06
C ILE A 324 -14.65 -7.04 32.54
N PHE A 325 -14.49 -6.06 33.41
CA PHE A 325 -14.57 -6.34 34.87
C PHE A 325 -16.00 -6.68 35.28
N GLU A 326 -17.00 -5.93 34.80
CA GLU A 326 -18.39 -6.16 35.28
C GLU A 326 -19.40 -6.03 34.15
N GLY A 327 -19.05 -6.43 32.93
CA GLY A 327 -19.97 -6.21 31.81
C GLY A 327 -20.67 -7.46 31.33
N TYR A 328 -20.14 -8.65 31.64
CA TYR A 328 -20.73 -9.89 31.09
C TYR A 328 -21.30 -10.75 32.22
N ILE A 329 -22.25 -11.63 31.89
CA ILE A 329 -22.91 -12.48 32.92
C ILE A 329 -22.06 -13.74 33.13
N PRO A 330 -21.65 -14.05 34.38
CA PRO A 330 -20.76 -15.19 34.63
C PRO A 330 -21.27 -16.47 33.97
N HIS A 331 -20.36 -17.26 33.39
CA HIS A 331 -20.75 -18.50 32.67
C HIS A 331 -21.62 -19.36 33.57
N PRO A 332 -22.70 -19.97 33.04
CA PRO A 332 -23.61 -20.75 33.87
C PRO A 332 -22.89 -21.87 34.62
N ASP A 333 -22.05 -22.64 33.92
CA ASP A 333 -21.43 -23.84 34.54
C ASP A 333 -20.09 -23.50 35.19
N THR A 334 -19.24 -22.73 34.51
CA THR A 334 -17.88 -22.47 35.04
C THR A 334 -17.85 -21.23 35.94
N ASN A 335 -18.92 -20.43 35.94
CA ASN A 335 -18.93 -19.18 36.73
C ASN A 335 -17.64 -18.41 36.41
N ARG A 336 -17.39 -18.14 35.13
CA ARG A 336 -16.11 -17.48 34.75
C ARG A 336 -16.36 -16.05 34.27
N ASP A 337 -15.55 -15.11 34.75
CA ASP A 337 -15.65 -13.69 34.32
C ASP A 337 -14.89 -13.56 33.00
N ALA A 338 -15.08 -12.44 32.30
CA ALA A 338 -14.36 -12.21 31.04
C ALA A 338 -12.86 -12.29 31.30
N LEU A 339 -12.40 -11.64 32.36
CA LEU A 339 -10.95 -11.64 32.67
C LEU A 339 -10.52 -13.09 32.83
N ASP A 340 -11.31 -13.86 33.58
CA ASP A 340 -10.95 -15.27 33.82
C ASP A 340 -10.72 -15.93 32.47
N ILE A 341 -11.66 -15.76 31.55
CA ILE A 341 -11.56 -16.43 30.23
C ILE A 341 -10.35 -15.87 29.47
N LEU A 342 -10.15 -14.55 29.54
CA LEU A 342 -9.07 -13.93 28.74
C LEU A 342 -7.70 -14.21 29.37
N LEU A 343 -7.65 -14.43 30.67
CA LEU A 343 -6.35 -14.63 31.35
C LEU A 343 -5.69 -15.89 30.79
N PHE A 344 -6.48 -16.93 30.54
CA PHE A 344 -5.92 -18.21 30.03
C PHE A 344 -6.34 -18.40 28.57
N HIS A 345 -6.26 -17.36 27.76
CA HIS A 345 -6.59 -17.50 26.31
C HIS A 345 -5.32 -17.26 25.49
N GLN A 346 -5.17 -17.98 24.39
CA GLN A 346 -3.95 -17.87 23.57
C GLN A 346 -3.82 -16.44 23.04
N TYR A 347 -4.96 -15.75 22.89
CA TYR A 347 -4.96 -14.36 22.36
C TYR A 347 -5.32 -13.38 23.46
N GLY A 348 -6.37 -13.71 24.23
CA GLY A 348 -6.83 -12.80 25.30
C GLY A 348 -5.71 -12.38 26.22
N ASN A 349 -4.75 -13.27 26.44
CA ASN A 349 -3.64 -12.96 27.37
C ASN A 349 -3.00 -11.65 26.94
N TYR A 350 -2.81 -11.47 25.64
CA TYR A 350 -2.12 -10.26 25.14
C TYR A 350 -2.93 -9.02 25.52
N VAL A 351 -4.25 -9.10 25.39
CA VAL A 351 -5.13 -7.95 25.71
C VAL A 351 -4.90 -7.61 27.19
N VAL A 352 -5.03 -8.61 28.05
CA VAL A 352 -4.91 -8.32 29.51
C VAL A 352 -3.58 -7.62 29.72
N GLN A 353 -2.55 -8.04 29.00
CA GLN A 353 -1.22 -7.44 29.20
C GLN A 353 -1.29 -5.97 28.79
N GLN A 354 -1.93 -5.68 27.66
CA GLN A 354 -2.09 -4.25 27.24
C GLN A 354 -2.85 -3.52 28.34
N MET A 355 -3.92 -4.13 28.83
CA MET A 355 -4.68 -3.48 29.90
C MET A 355 -3.79 -3.12 31.09
N ILE A 356 -2.88 -4.03 31.45
CA ILE A 356 -1.92 -3.76 32.51
C ILE A 356 -1.01 -2.61 32.11
N GLN A 357 -0.54 -2.61 30.87
CA GLN A 357 0.31 -1.48 30.42
C GLN A 357 -0.49 -0.19 30.59
N THR A 358 -1.68 -0.13 29.98
CA THR A 358 -2.49 1.08 30.03
C THR A 358 -2.65 1.58 31.45
N CYS A 359 -2.87 0.67 32.40
CA CYS A 359 -3.05 1.08 33.80
C CYS A 359 -1.74 1.57 34.41
N VAL A 360 -0.61 0.95 34.04
CA VAL A 360 0.67 1.38 34.60
C VAL A 360 1.06 2.76 34.05
N LEU A 361 0.84 2.99 32.75
CA LEU A 361 1.17 4.29 32.18
C LEU A 361 0.19 5.38 32.62
N GLY A 362 -1.07 5.02 32.87
CA GLY A 362 -2.05 5.98 33.33
C GLY A 362 -2.00 6.31 34.81
N GLN A 363 -1.17 5.60 35.58
CA GLN A 363 -0.90 6.04 36.95
C GLN A 363 -0.10 7.34 36.96
N ASN A 364 0.72 7.57 35.94
CA ASN A 364 1.45 8.83 35.79
C ASN A 364 0.65 9.80 34.94
N ALA A 365 -0.57 10.06 35.39
CA ALA A 365 -1.48 10.98 34.74
C ALA A 365 -1.59 12.26 35.55
N ARG A 366 -2.02 13.33 34.88
CA ARG A 366 -2.21 14.61 35.55
C ARG A 366 -3.35 14.56 36.55
N ASP A 367 -4.48 13.98 36.17
CA ASP A 367 -5.62 13.88 37.06
C ASP A 367 -5.36 12.79 38.11
N GLN A 368 -5.58 13.12 39.38
CA GLN A 368 -5.39 12.15 40.45
C GLN A 368 -6.52 11.11 40.47
N LYS A 369 -7.72 11.49 40.03
CA LYS A 369 -8.83 10.54 39.96
C LYS A 369 -8.61 9.51 38.86
N GLN A 370 -8.05 9.94 37.72
CA GLN A 370 -7.65 8.99 36.68
C GLN A 370 -6.61 8.01 37.21
N SER A 371 -5.63 8.52 37.97
CA SER A 371 -4.60 7.66 38.56
C SER A 371 -5.21 6.68 39.56
N GLU A 372 -6.19 7.13 40.35
CA GLU A 372 -6.88 6.24 41.29
C GLU A 372 -7.67 5.15 40.57
N MET A 373 -8.36 5.51 39.48
CA MET A 373 -9.15 4.53 38.74
C MET A 373 -8.26 3.52 38.01
N TYR A 374 -7.13 3.97 37.45
CA TYR A 374 -6.18 3.05 36.85
C TYR A 374 -5.57 2.11 37.88
N GLY A 375 -5.24 2.64 39.07
CA GLY A 375 -4.74 1.79 40.15
C GLY A 375 -5.75 0.76 40.60
N MET A 376 -7.04 1.14 40.65
CA MET A 376 -8.09 0.19 41.02
C MET A 376 -8.25 -0.91 39.98
N TRP A 377 -8.21 -0.55 38.69
CA TRP A 377 -8.32 -1.53 37.62
C TRP A 377 -7.15 -2.51 37.66
N LEU A 378 -5.95 -1.99 37.90
CA LEU A 378 -4.77 -2.83 38.01
C LEU A 378 -4.84 -3.72 39.24
N GLU A 379 -5.47 -3.22 40.32
CA GLU A 379 -5.71 -4.04 41.51
C GLU A 379 -6.68 -5.19 41.23
N LYS A 380 -7.72 -4.94 40.43
CA LYS A 380 -8.64 -6.00 40.04
C LYS A 380 -7.94 -7.08 39.22
N ILE A 381 -7.07 -6.65 38.28
CA ILE A 381 -6.27 -7.59 37.50
C ILE A 381 -5.37 -8.43 38.40
N HIS A 382 -4.67 -7.75 39.33
CA HIS A 382 -3.76 -8.41 40.28
C HIS A 382 -4.50 -9.40 41.18
N GLY A 383 -5.73 -9.07 41.57
CA GLY A 383 -6.51 -10.00 42.38
C GLY A 383 -6.87 -11.28 41.65
N ARG A 384 -7.35 -11.16 40.39
CA ARG A 384 -7.65 -12.38 39.63
C ARG A 384 -6.38 -13.17 39.30
N VAL A 385 -5.26 -12.47 39.09
CA VAL A 385 -4.00 -13.15 38.79
C VAL A 385 -3.46 -13.89 40.01
N MET A 386 -3.57 -13.32 41.22
CA MET A 386 -3.22 -14.11 42.41
C MET A 386 -4.18 -15.27 42.63
N ARG A 387 -5.45 -15.13 42.25
CA ARG A 387 -6.35 -16.27 42.34
C ARG A 387 -5.97 -17.40 41.38
N ASN A 388 -5.36 -17.07 40.25
CA ASN A 388 -5.03 -18.09 39.24
C ASN A 388 -3.53 -18.27 39.01
N ALA A 389 -2.70 -17.83 39.96
CA ALA A 389 -1.26 -17.73 39.77
C ALA A 389 -0.57 -19.07 39.59
N HIS A 390 -1.03 -20.11 40.31
CA HIS A 390 -0.40 -21.43 40.22
C HIS A 390 -0.48 -21.99 38.80
N ARG A 391 -1.64 -21.87 38.17
CA ARG A 391 -1.78 -22.27 36.78
C ARG A 391 -1.08 -21.30 35.85
N LEU A 392 -1.01 -20.02 36.22
CA LEU A 392 -0.34 -19.03 35.37
C LEU A 392 1.17 -19.19 35.31
N GLU A 393 1.80 -19.76 36.35
CA GLU A 393 3.24 -20.01 36.31
C GLU A 393 3.63 -20.99 35.21
N ARG A 394 2.73 -21.93 34.89
CA ARG A 394 2.94 -22.92 33.83
C ARG A 394 3.19 -22.28 32.46
N PHE A 395 2.64 -21.09 32.23
CA PHE A 395 2.63 -20.46 30.92
C PHE A 395 3.70 -19.37 30.81
N SER A 396 4.05 -19.06 29.56
CA SER A 396 4.90 -17.92 29.28
C SER A 396 4.15 -16.62 29.52
N SER A 397 2.88 -16.58 29.10
CA SER A 397 2.03 -15.41 29.29
C SER A 397 1.81 -15.11 30.75
N GLY A 398 1.58 -16.14 31.57
CA GLY A 398 1.41 -15.92 32.99
C GLY A 398 2.68 -15.42 33.67
N LYS A 399 3.83 -15.87 33.17
CA LYS A 399 5.10 -15.30 33.64
C LYS A 399 5.20 -13.82 33.28
N LYS A 400 4.79 -13.46 32.06
CA LYS A 400 4.83 -12.04 31.65
C LYS A 400 3.86 -11.23 32.52
N ILE A 401 2.69 -11.78 32.79
CA ILE A 401 1.66 -11.08 33.56
C ILE A 401 2.14 -10.85 35.00
N ILE A 402 2.71 -11.89 35.61
CA ILE A 402 3.23 -11.77 36.99
C ILE A 402 4.41 -10.80 37.04
N GLU A 403 5.21 -10.79 35.97
CA GLU A 403 6.35 -9.86 35.90
C GLU A 403 5.84 -8.44 35.68
N ALA A 404 4.71 -8.31 35.00
CA ALA A 404 4.14 -6.97 34.71
C ALA A 404 3.62 -6.35 36.01
N LEU A 405 2.92 -7.14 36.82
CA LEU A 405 2.34 -6.63 38.08
C LEU A 405 3.39 -6.70 39.18
N GLN A 406 4.66 -6.49 38.84
CA GLN A 406 5.72 -6.67 39.86
C GLN A 406 6.02 -5.34 40.56
N SER A 407 6.08 -5.36 41.89
CA SER A 407 6.42 -4.13 42.69
C SER A 407 5.78 -2.90 42.06
N MET A 408 4.44 -2.83 42.06
CA MET A 408 3.76 -1.69 41.39
C MET A 408 3.41 -0.62 42.42
N SER A 409 3.00 0.56 41.95
CA SER A 409 2.65 1.69 42.85
C SER A 409 1.21 1.54 43.34
N LEU A 410 0.71 2.55 44.05
CA LEU A 410 -0.67 2.51 44.60
C LEU A 410 -1.59 1.83 43.58
#